data_7KXD
#
_entry.id   7KXD
#
_cell.length_a   61.810
_cell.length_b   61.810
_cell.length_c   155.735
_cell.angle_alpha   90.00
_cell.angle_beta   90.00
_cell.angle_gamma   90.00
#
_symmetry.space_group_name_H-M   'P 41 21 2'
#
loop_
_entity.id
_entity.type
_entity.pdbx_description
1 polymer 'Nuclear receptor ROR-gamma, Nuclear receptor coactivator 1 peptide chimera'
2 non-polymer {3,5-dichloro-4-[4-methoxy-3-(propan-2-yl)phenoxy]phenyl}methanol
3 water water
#
_entity_poly.entity_id   1
_entity_poly.type   'polypeptide(L)'
_entity_poly.pdbx_seq_one_letter_code
;MGSSHHHHHHSSGLVPRGSHMASLTEIEHLVQSVCKSYRETCQLRLEDLLRQRSNIFSREEVTGYQRKSMWEMWERCAHH
LTEAIQYVVEFAKRLSGFMELCQNDQIVLLKAGAMEVVLVRMCRAYNADNRTVFFEGKYGGMELFRALGCSELISSIFDF
SHSLSALHFSEDEIALYTALVLINAHRPGLQEKRKVEQLQYNLELAFHHHLCKTHRQSILAKLPPKGKLRSLCSQHVERL
QIFQHLHPIVVQAAFPPLYKELFSTSGGSGGLTERHKILHRLLQE
;
_entity_poly.pdbx_strand_id   A
#
# COMPACT_ATOMS: atom_id res chain seq x y z
N MET A 21 3.51 0.02 -31.03
CA MET A 21 2.95 -1.10 -30.29
C MET A 21 1.82 -0.64 -29.37
N ALA A 22 0.84 -1.53 -29.12
CA ALA A 22 -0.37 -1.30 -28.32
C ALA A 22 -1.24 -0.18 -28.85
N SER A 23 -2.39 -0.57 -29.43
CA SER A 23 -3.44 0.26 -30.04
C SER A 23 -4.47 0.72 -28.98
N LEU A 24 -5.43 1.58 -29.38
CA LEU A 24 -6.47 2.10 -28.48
C LEU A 24 -7.32 1.01 -27.83
N THR A 25 -7.73 0.00 -28.63
CA THR A 25 -8.54 -1.10 -28.13
C THR A 25 -7.77 -1.88 -27.06
N GLU A 26 -6.46 -2.11 -27.29
CA GLU A 26 -5.59 -2.84 -26.37
C GLU A 26 -5.39 -2.04 -25.07
N ILE A 27 -5.24 -0.69 -25.18
CA ILE A 27 -5.10 0.17 -24.00
C ILE A 27 -6.35 0.05 -23.13
N GLU A 28 -7.55 0.14 -23.72
CA GLU A 28 -8.80 0.02 -22.97
C GLU A 28 -8.97 -1.35 -22.33
N HIS A 29 -8.50 -2.41 -23.01
CA HIS A 29 -8.57 -3.75 -22.43
C HIS A 29 -7.67 -3.81 -21.16
N LEU A 30 -6.49 -3.17 -21.24
CA LEU A 30 -5.57 -3.14 -20.10
C LEU A 30 -6.21 -2.39 -18.93
N VAL A 31 -6.91 -1.26 -19.21
CA VAL A 31 -7.60 -0.51 -18.16
C VAL A 31 -8.60 -1.43 -17.41
N GLN A 32 -9.43 -2.15 -18.18
CA GLN A 32 -10.42 -3.05 -17.56
C GLN A 32 -9.78 -4.20 -16.82
N SER A 33 -8.70 -4.74 -17.36
CA SER A 33 -7.97 -5.84 -16.72
C SER A 33 -7.38 -5.40 -15.37
N VAL A 34 -6.74 -4.23 -15.32
CA VAL A 34 -6.13 -3.74 -14.08
C VAL A 34 -7.21 -3.47 -13.03
N CYS A 35 -8.32 -2.84 -13.47
CA CYS A 35 -9.41 -2.53 -12.56
C CYS A 35 -10.01 -3.80 -11.95
N LYS A 36 -10.15 -4.84 -12.77
CA LYS A 36 -10.69 -6.12 -12.34
C LYS A 36 -9.71 -6.77 -11.34
N SER A 37 -8.39 -6.76 -11.64
CA SER A 37 -7.37 -7.32 -10.76
C SER A 37 -7.37 -6.62 -9.41
N TYR A 38 -7.54 -5.31 -9.42
CA TYR A 38 -7.62 -4.54 -8.19
C TYR A 38 -8.88 -4.92 -7.40
N ARG A 39 -10.06 -4.93 -8.04
CA ARG A 39 -11.31 -5.27 -7.35
C ARG A 39 -11.24 -6.66 -6.69
N GLU A 40 -10.64 -7.64 -7.37
CA GLU A 40 -10.52 -8.99 -6.86
C GLU A 40 -9.53 -9.14 -5.69
N THR A 41 -8.64 -8.16 -5.49
CA THR A 41 -7.61 -8.28 -4.47
C THR A 41 -7.67 -7.20 -3.40
N CYS A 42 -8.83 -6.58 -3.23
CA CYS A 42 -9.05 -5.62 -2.16
C CYS A 42 -9.41 -6.40 -0.91
N GLN A 43 -8.78 -6.04 0.18
CA GLN A 43 -9.01 -6.67 1.47
C GLN A 43 -10.49 -6.46 1.90
N LEU A 44 -10.97 -5.20 1.85
CA LEU A 44 -12.35 -4.86 2.14
C LEU A 44 -12.89 -3.96 1.04
N ARG A 45 -14.17 -4.14 0.72
CA ARG A 45 -14.80 -3.34 -0.31
C ARG A 45 -14.94 -1.90 0.20
N LEU A 46 -14.86 -0.91 -0.69
CA LEU A 46 -14.96 0.50 -0.28
C LEU A 46 -16.27 0.79 0.48
N GLU A 47 -17.37 0.21 0.01
CA GLU A 47 -18.71 0.33 0.60
C GLU A 47 -18.69 -0.13 2.05
N ASP A 48 -17.91 -1.21 2.35
CA ASP A 48 -17.79 -1.70 3.72
C ASP A 48 -17.13 -0.65 4.59
N LEU A 49 -16.06 -0.01 4.08
CA LEU A 49 -15.37 1.02 4.86
C LEU A 49 -16.23 2.26 5.07
N LEU A 50 -16.95 2.72 4.03
CA LEU A 50 -17.75 3.94 4.17
C LEU A 50 -18.90 3.72 5.17
N ARG A 51 -19.54 2.53 5.11
CA ARG A 51 -20.65 2.19 6.01
C ARG A 51 -20.25 2.10 7.49
N GLN A 52 -18.92 2.05 7.79
CA GLN A 52 -18.45 1.98 9.20
C GLN A 52 -18.00 3.32 9.78
N ARG A 53 -18.14 4.43 9.03
CA ARG A 53 -17.60 5.72 9.49
C ARG A 53 -18.12 6.25 10.83
N SER A 54 -19.34 5.90 11.24
CA SER A 54 -19.86 6.33 12.55
C SER A 54 -19.37 5.43 13.70
N ASN A 55 -18.84 4.24 13.37
CA ASN A 55 -18.31 3.28 14.33
C ASN A 55 -16.87 3.72 14.71
N ILE A 56 -16.78 4.64 15.70
CA ILE A 56 -15.54 5.26 16.17
C ILE A 56 -15.19 4.76 17.55
N PHE A 57 -13.90 4.49 17.82
CA PHE A 57 -13.45 4.03 19.14
C PHE A 57 -13.80 5.04 20.22
N SER A 58 -14.31 4.58 21.38
CA SER A 58 -14.63 5.50 22.47
C SER A 58 -13.33 6.01 23.14
N ARG A 59 -13.42 7.05 23.99
CA ARG A 59 -12.26 7.57 24.70
C ARG A 59 -11.59 6.49 25.55
N GLU A 60 -12.39 5.59 26.14
CA GLU A 60 -11.91 4.49 26.96
C GLU A 60 -11.16 3.47 26.11
N GLU A 61 -11.65 3.20 24.87
CA GLU A 61 -10.99 2.26 23.96
C GLU A 61 -9.67 2.86 23.45
N VAL A 62 -9.64 4.19 23.19
CA VAL A 62 -8.42 4.89 22.77
C VAL A 62 -7.38 4.79 23.90
N THR A 63 -7.82 5.05 25.15
CA THR A 63 -6.94 4.92 26.32
C THR A 63 -6.35 3.50 26.43
N GLY A 64 -7.18 2.48 26.18
CA GLY A 64 -6.75 1.10 26.19
C GLY A 64 -5.64 0.83 25.20
N TYR A 65 -5.74 1.40 23.98
CA TYR A 65 -4.66 1.25 22.99
C TYR A 65 -3.40 1.94 23.43
N GLN A 66 -3.53 3.15 23.95
CA GLN A 66 -2.38 3.93 24.41
C GLN A 66 -1.65 3.27 25.58
N ARG A 67 -2.38 2.48 26.40
CA ARG A 67 -1.82 1.76 27.54
C ARG A 67 -1.18 0.44 27.19
N LYS A 68 -1.33 -0.02 25.92
CA LYS A 68 -0.69 -1.25 25.49
C LYS A 68 0.82 -1.06 25.44
N SER A 69 1.60 -2.15 25.62
CA SER A 69 3.05 -2.03 25.54
C SER A 69 3.45 -1.68 24.09
N MET A 70 4.62 -1.08 23.94
CA MET A 70 5.12 -0.72 22.62
C MET A 70 5.27 -1.97 21.73
N TRP A 71 5.83 -3.05 22.31
CA TRP A 71 6.04 -4.26 21.52
C TRP A 71 4.72 -4.92 21.10
N GLU A 72 3.68 -4.90 21.93
CA GLU A 72 2.39 -5.47 21.55
C GLU A 72 1.71 -4.64 20.45
N MET A 73 1.82 -3.33 20.54
CA MET A 73 1.27 -2.47 19.49
C MET A 73 2.01 -2.67 18.16
N TRP A 74 3.34 -2.81 18.22
CA TRP A 74 4.16 -3.04 17.01
C TRP A 74 3.78 -4.36 16.35
N GLU A 75 3.60 -5.39 17.18
CA GLU A 75 3.21 -6.70 16.67
C GLU A 75 1.83 -6.65 15.99
N ARG A 76 0.87 -5.94 16.58
CA ARG A 76 -0.46 -5.80 16.00
C ARG A 76 -0.41 -5.06 14.64
N CYS A 77 0.36 -3.98 14.57
CA CYS A 77 0.51 -3.24 13.31
C CYS A 77 1.24 -4.06 12.26
N ALA A 78 2.29 -4.80 12.63
CA ALA A 78 3.03 -5.64 11.69
C ALA A 78 2.12 -6.74 11.16
N HIS A 79 1.24 -7.31 12.01
CA HIS A 79 0.28 -8.32 11.56
C HIS A 79 -0.69 -7.70 10.53
N HIS A 80 -1.25 -6.51 10.83
CA HIS A 80 -2.19 -5.89 9.90
C HIS A 80 -1.51 -5.54 8.57
N LEU A 81 -0.30 -5.01 8.60
CA LEU A 81 0.42 -4.68 7.38
C LEU A 81 0.75 -5.92 6.59
N THR A 82 1.11 -7.01 7.27
CA THR A 82 1.45 -8.25 6.57
C THR A 82 0.25 -8.78 5.83
N GLU A 83 -0.95 -8.74 6.45
CA GLU A 83 -2.19 -9.18 5.78
C GLU A 83 -2.43 -8.30 4.53
N ALA A 84 -2.24 -6.99 4.67
CA ALA A 84 -2.42 -6.06 3.55
C ALA A 84 -1.43 -6.37 2.42
N ILE A 85 -0.18 -6.65 2.77
CA ILE A 85 0.85 -7.01 1.80
C ILE A 85 0.49 -8.29 1.09
N GLN A 86 -0.14 -9.28 1.77
CA GLN A 86 -0.54 -10.51 1.09
C GLN A 86 -1.54 -10.23 -0.07
N TYR A 87 -2.45 -9.28 0.14
CA TYR A 87 -3.40 -8.88 -0.91
C TYR A 87 -2.67 -8.18 -2.06
N VAL A 88 -1.63 -7.37 -1.74
CA VAL A 88 -0.83 -6.70 -2.76
C VAL A 88 -0.06 -7.74 -3.63
N VAL A 89 0.43 -8.81 -3.00
CA VAL A 89 1.10 -9.88 -3.75
C VAL A 89 0.14 -10.53 -4.75
N GLU A 90 -1.10 -10.75 -4.32
CA GLU A 90 -2.12 -11.33 -5.17
C GLU A 90 -2.50 -10.37 -6.29
N PHE A 91 -2.52 -9.06 -6.00
CA PHE A 91 -2.79 -8.04 -7.02
C PHE A 91 -1.68 -8.12 -8.12
N ALA A 92 -0.41 -8.17 -7.68
CA ALA A 92 0.73 -8.29 -8.59
C ALA A 92 0.62 -9.56 -9.45
N LYS A 93 0.29 -10.71 -8.84
CA LYS A 93 0.18 -11.96 -9.58
C LYS A 93 -0.90 -11.91 -10.66
N ARG A 94 -1.96 -11.12 -10.41
CA ARG A 94 -3.04 -10.96 -11.39
C ARG A 94 -2.81 -9.83 -12.39
N LEU A 95 -1.79 -9.00 -12.17
CA LEU A 95 -1.48 -7.87 -13.00
C LEU A 95 -0.88 -8.30 -14.31
N SER A 96 -1.55 -7.93 -15.41
CA SER A 96 -1.13 -8.28 -16.76
C SER A 96 0.36 -8.03 -17.00
N GLY A 97 1.08 -9.07 -17.38
CA GLY A 97 2.51 -8.95 -17.64
C GLY A 97 3.46 -9.16 -16.48
N PHE A 98 2.97 -9.06 -15.22
CA PHE A 98 3.87 -9.22 -14.06
C PHE A 98 4.43 -10.62 -13.96
N MET A 99 3.59 -11.65 -14.11
CA MET A 99 4.09 -13.04 -14.03
C MET A 99 4.98 -13.44 -15.21
N GLU A 100 4.99 -12.65 -16.29
CA GLU A 100 5.85 -12.83 -17.45
C GLU A 100 7.28 -12.29 -17.16
N LEU A 101 7.44 -11.40 -16.14
CA LEU A 101 8.77 -10.94 -15.77
C LEU A 101 9.48 -12.09 -15.08
N CYS A 102 10.83 -12.05 -15.06
CA CYS A 102 11.59 -13.10 -14.36
C CYS A 102 11.35 -13.00 -12.84
N GLN A 103 11.54 -14.13 -12.12
CA GLN A 103 11.34 -14.17 -10.67
C GLN A 103 12.22 -13.19 -9.90
N ASN A 104 13.44 -12.90 -10.40
CA ASN A 104 14.30 -11.92 -9.74
C ASN A 104 13.60 -10.56 -9.72
N ASP A 105 13.02 -10.17 -10.87
CA ASP A 105 12.36 -8.90 -11.05
C ASP A 105 11.05 -8.83 -10.32
N GLN A 106 10.29 -9.93 -10.27
CA GLN A 106 9.03 -9.96 -9.49
C GLN A 106 9.34 -9.64 -8.00
N ILE A 107 10.38 -10.30 -7.44
CA ILE A 107 10.77 -10.09 -6.05
C ILE A 107 11.29 -8.67 -5.83
N VAL A 108 12.17 -8.16 -6.74
CA VAL A 108 12.64 -6.77 -6.63
C VAL A 108 11.46 -5.78 -6.59
N LEU A 109 10.51 -5.95 -7.51
CA LEU A 109 9.37 -5.04 -7.58
C LEU A 109 8.53 -5.11 -6.31
N LEU A 110 8.25 -6.34 -5.82
CA LEU A 110 7.43 -6.49 -4.62
C LEU A 110 8.12 -5.99 -3.36
N LYS A 111 9.43 -6.28 -3.21
CA LYS A 111 10.16 -5.81 -2.03
C LYS A 111 10.17 -4.31 -1.94
N ALA A 112 10.33 -3.64 -3.10
CA ALA A 112 10.40 -2.19 -3.12
C ALA A 112 9.03 -1.50 -3.10
N GLY A 113 8.01 -2.16 -3.66
CA GLY A 113 6.72 -1.51 -3.88
C GLY A 113 5.52 -1.99 -3.08
N ALA A 114 5.61 -3.17 -2.43
CA ALA A 114 4.46 -3.71 -1.68
C ALA A 114 3.96 -2.73 -0.61
N MET A 115 4.86 -2.20 0.24
CA MET A 115 4.46 -1.26 1.28
C MET A 115 3.93 0.06 0.69
N GLU A 116 4.49 0.49 -0.46
CA GLU A 116 4.02 1.70 -1.13
C GLU A 116 2.59 1.51 -1.58
N VAL A 117 2.24 0.32 -2.13
CA VAL A 117 0.88 0.02 -2.56
C VAL A 117 -0.06 -0.02 -1.33
N VAL A 118 0.40 -0.64 -0.24
CA VAL A 118 -0.42 -0.67 1.00
C VAL A 118 -0.72 0.76 1.50
N LEU A 119 0.30 1.65 1.49
CA LEU A 119 0.11 3.02 1.94
C LEU A 119 -0.88 3.81 1.07
N VAL A 120 -0.88 3.56 -0.25
CA VAL A 120 -1.86 4.23 -1.13
C VAL A 120 -3.26 3.63 -0.88
N ARG A 121 -3.36 2.28 -0.84
CA ARG A 121 -4.64 1.61 -0.56
C ARG A 121 -5.25 2.06 0.76
N MET A 122 -4.41 2.48 1.73
CA MET A 122 -4.88 2.90 3.06
C MET A 122 -5.79 4.14 3.02
N CYS A 123 -5.70 5.00 1.97
CA CYS A 123 -6.59 6.17 1.91
C CYS A 123 -8.07 5.76 1.86
N ARG A 124 -8.38 4.54 1.37
CA ARG A 124 -9.77 4.08 1.33
C ARG A 124 -10.34 3.88 2.74
N ALA A 125 -9.47 3.61 3.72
CA ALA A 125 -9.89 3.39 5.11
C ALA A 125 -9.76 4.65 5.98
N TYR A 126 -9.42 5.79 5.37
CA TYR A 126 -9.20 7.07 6.00
C TYR A 126 -10.41 8.00 5.80
N ASN A 127 -10.90 8.57 6.91
CA ASN A 127 -12.01 9.53 6.89
C ASN A 127 -11.42 10.94 7.09
N ALA A 128 -11.40 11.75 6.02
CA ALA A 128 -10.84 13.09 6.09
C ALA A 128 -11.65 14.07 6.96
N ASP A 129 -12.95 13.79 7.17
CA ASP A 129 -13.86 14.64 7.95
C ASP A 129 -13.47 14.73 9.41
N ASN A 130 -13.01 13.62 9.99
CA ASN A 130 -12.59 13.63 11.40
C ASN A 130 -11.16 13.11 11.61
N ARG A 131 -10.40 12.92 10.51
CA ARG A 131 -9.01 12.47 10.55
C ARG A 131 -8.85 11.14 11.29
N THR A 132 -9.70 10.17 10.98
CA THR A 132 -9.63 8.83 11.58
C THR A 132 -9.36 7.78 10.52
N VAL A 133 -8.86 6.63 10.96
CA VAL A 133 -8.58 5.51 10.08
C VAL A 133 -9.22 4.24 10.64
N PHE A 134 -9.72 3.37 9.75
CA PHE A 134 -10.36 2.12 10.17
C PHE A 134 -9.28 1.15 10.60
N PHE A 135 -9.28 0.75 11.88
CA PHE A 135 -8.25 -0.14 12.39
C PHE A 135 -8.86 -1.09 13.39
N GLU A 136 -8.75 -2.41 13.17
CA GLU A 136 -9.30 -3.38 14.14
C GLU A 136 -10.79 -3.17 14.45
N GLY A 137 -11.57 -3.02 13.38
CA GLY A 137 -13.01 -2.93 13.50
C GLY A 137 -13.68 -1.61 13.77
N LYS A 138 -12.91 -0.55 14.08
CA LYS A 138 -13.49 0.77 14.31
C LYS A 138 -12.54 1.87 13.81
N TYR A 139 -13.05 3.11 13.70
CA TYR A 139 -12.27 4.26 13.31
C TYR A 139 -11.64 4.94 14.52
N GLY A 140 -10.35 5.26 14.39
CA GLY A 140 -9.62 5.96 15.43
C GLY A 140 -8.64 6.92 14.84
N GLY A 141 -8.37 7.98 15.57
CA GLY A 141 -7.42 8.99 15.17
C GLY A 141 -5.98 8.57 15.42
N MET A 142 -5.05 9.44 15.07
CA MET A 142 -3.62 9.23 15.19
C MET A 142 -3.21 8.86 16.62
N GLU A 143 -3.91 9.43 17.61
CA GLU A 143 -3.64 9.19 19.02
C GLU A 143 -3.78 7.71 19.44
N LEU A 144 -4.52 6.91 18.65
CA LEU A 144 -4.69 5.48 18.90
C LEU A 144 -3.35 4.72 18.86
N PHE A 145 -2.37 5.22 18.05
CA PHE A 145 -1.06 4.62 17.81
C PHE A 145 0.07 5.16 18.68
N ARG A 146 -0.23 5.98 19.70
CA ARG A 146 0.81 6.58 20.56
C ARG A 146 1.78 5.58 21.19
N ALA A 147 1.32 4.39 21.54
CA ALA A 147 2.19 3.40 22.20
C ALA A 147 3.36 2.93 21.30
N LEU A 148 3.24 3.10 19.95
CA LEU A 148 4.32 2.68 19.04
C LEU A 148 5.62 3.45 19.28
N GLY A 149 5.51 4.70 19.72
CA GLY A 149 6.69 5.54 19.86
C GLY A 149 7.28 5.91 18.51
N CYS A 150 6.41 6.16 17.54
CA CYS A 150 6.87 6.68 16.25
C CYS A 150 5.84 7.67 15.69
N SER A 151 5.59 8.71 16.51
CA SER A 151 4.63 9.75 16.24
C SER A 151 4.86 10.44 14.94
N GLU A 152 6.12 10.69 14.58
CA GLU A 152 6.41 11.38 13.32
C GLU A 152 5.99 10.53 12.12
N LEU A 153 6.34 9.23 12.14
CA LEU A 153 5.94 8.34 11.05
C LEU A 153 4.40 8.23 10.96
N ILE A 154 3.72 8.04 12.10
CA ILE A 154 2.25 7.93 12.10
C ILE A 154 1.63 9.23 11.56
N SER A 155 2.15 10.39 11.98
CA SER A 155 1.66 11.68 11.48
C SER A 155 1.84 11.79 9.96
N SER A 156 2.98 11.35 9.46
CA SER A 156 3.30 11.38 8.03
C SER A 156 2.30 10.51 7.26
N ILE A 157 1.99 9.33 7.79
CA ILE A 157 1.03 8.41 7.14
C ILE A 157 -0.34 9.03 7.08
N PHE A 158 -0.79 9.61 8.19
CA PHE A 158 -2.11 10.26 8.22
C PHE A 158 -2.14 11.47 7.22
N ASP A 159 -1.07 12.27 7.18
CA ASP A 159 -0.97 13.40 6.26
C ASP A 159 -1.00 12.91 4.80
N PHE A 160 -0.30 11.79 4.52
CA PHE A 160 -0.28 11.19 3.20
C PHE A 160 -1.71 10.75 2.80
N SER A 161 -2.41 10.02 3.67
CA SER A 161 -3.79 9.60 3.42
C SER A 161 -4.71 10.81 3.26
N HIS A 162 -4.47 11.88 4.02
CA HIS A 162 -5.27 13.10 3.89
C HIS A 162 -5.06 13.72 2.51
N SER A 163 -3.80 13.78 2.05
CA SER A 163 -3.46 14.32 0.74
C SER A 163 -4.14 13.52 -0.38
N LEU A 164 -4.18 12.19 -0.25
CA LEU A 164 -4.86 11.36 -1.25
C LEU A 164 -6.36 11.51 -1.20
N SER A 165 -6.91 11.68 0.03
CA SER A 165 -8.36 11.85 0.20
C SER A 165 -8.86 13.08 -0.54
N ALA A 166 -8.05 14.16 -0.55
CA ALA A 166 -8.33 15.43 -1.24
C ALA A 166 -8.46 15.27 -2.76
N LEU A 167 -7.98 14.15 -3.33
CA LEU A 167 -8.09 13.90 -4.76
C LEU A 167 -9.41 13.21 -5.14
N HIS A 168 -10.13 12.62 -4.16
CA HIS A 168 -11.39 11.91 -4.41
C HIS A 168 -11.23 10.84 -5.48
N PHE A 169 -10.22 9.98 -5.31
CA PHE A 169 -9.97 8.89 -6.26
C PHE A 169 -11.17 7.98 -6.42
N SER A 170 -11.47 7.57 -7.65
CA SER A 170 -12.45 6.53 -7.89
C SER A 170 -11.67 5.20 -7.65
N GLU A 171 -12.39 4.07 -7.56
CA GLU A 171 -11.74 2.78 -7.39
C GLU A 171 -10.86 2.46 -8.62
N ASP A 172 -11.34 2.80 -9.82
CA ASP A 172 -10.59 2.59 -11.03
C ASP A 172 -9.27 3.38 -11.03
N GLU A 173 -9.28 4.63 -10.54
CA GLU A 173 -8.06 5.44 -10.51
C GLU A 173 -7.06 4.85 -9.53
N ILE A 174 -7.53 4.36 -8.36
CA ILE A 174 -6.60 3.73 -7.39
C ILE A 174 -6.01 2.47 -8.01
N ALA A 175 -6.80 1.70 -8.75
CA ALA A 175 -6.32 0.48 -9.39
C ALA A 175 -5.17 0.81 -10.38
N LEU A 176 -5.36 1.82 -11.23
CA LEU A 176 -4.35 2.16 -12.23
C LEU A 176 -3.12 2.80 -11.60
N TYR A 177 -3.34 3.66 -10.59
CA TYR A 177 -2.26 4.36 -9.94
C TYR A 177 -1.41 3.33 -9.14
N THR A 178 -2.06 2.44 -8.40
CA THR A 178 -1.29 1.41 -7.64
C THR A 178 -0.55 0.43 -8.56
N ALA A 179 -1.09 0.14 -9.77
CA ALA A 179 -0.37 -0.71 -10.71
C ALA A 179 0.96 -0.05 -11.11
N LEU A 180 0.95 1.28 -11.27
CA LEU A 180 2.16 2.06 -11.61
C LEU A 180 3.11 2.19 -10.44
N VAL A 181 2.58 2.25 -9.23
CA VAL A 181 3.44 2.25 -8.02
C VAL A 181 4.30 0.97 -8.00
N LEU A 182 3.69 -0.15 -8.36
CA LEU A 182 4.36 -1.44 -8.34
C LEU A 182 5.27 -1.63 -9.56
N ILE A 183 4.76 -1.28 -10.76
CA ILE A 183 5.56 -1.50 -11.97
C ILE A 183 6.42 -0.30 -12.22
N ASN A 184 7.55 -0.24 -11.54
CA ASN A 184 8.47 0.90 -11.60
C ASN A 184 9.79 0.37 -12.17
N ALA A 185 10.10 0.73 -13.41
CA ALA A 185 11.34 0.26 -14.04
C ALA A 185 12.62 0.91 -13.50
N HIS A 186 12.50 1.84 -12.55
CA HIS A 186 13.68 2.45 -11.94
C HIS A 186 14.16 1.71 -10.69
N ARG A 187 13.46 0.62 -10.24
CA ARG A 187 13.93 -0.09 -9.04
C ARG A 187 15.32 -0.68 -9.26
N PRO A 188 16.26 -0.37 -8.36
CA PRO A 188 17.61 -1.00 -8.47
C PRO A 188 17.51 -2.52 -8.33
N GLY A 189 18.27 -3.23 -9.12
CA GLY A 189 18.32 -4.69 -9.08
C GLY A 189 17.57 -5.43 -10.15
N LEU A 190 16.88 -4.68 -11.03
CA LEU A 190 16.11 -5.30 -12.10
C LEU A 190 17.06 -5.87 -13.15
N GLN A 191 16.90 -7.14 -13.48
CA GLN A 191 17.73 -7.79 -14.50
C GLN A 191 17.19 -7.55 -15.91
N GLU A 192 15.87 -7.39 -16.07
CA GLU A 192 15.26 -7.17 -17.39
C GLU A 192 14.56 -5.82 -17.38
N LYS A 193 15.34 -4.76 -17.21
CA LYS A 193 14.85 -3.39 -17.11
C LYS A 193 13.95 -2.97 -18.31
N ARG A 194 14.34 -3.32 -19.54
CA ARG A 194 13.54 -2.97 -20.74
C ARG A 194 12.13 -3.56 -20.70
N LYS A 195 11.99 -4.84 -20.27
CA LYS A 195 10.68 -5.48 -20.17
C LYS A 195 9.82 -4.75 -19.13
N VAL A 196 10.44 -4.37 -17.99
CA VAL A 196 9.67 -3.61 -16.98
C VAL A 196 9.29 -2.22 -17.54
N GLU A 197 10.19 -1.57 -18.30
CA GLU A 197 9.92 -0.26 -18.92
C GLU A 197 8.72 -0.35 -19.85
N GLN A 198 8.61 -1.46 -20.60
CA GLN A 198 7.52 -1.62 -21.55
C GLN A 198 6.19 -1.77 -20.82
N LEU A 199 6.18 -2.59 -19.75
CA LEU A 199 4.97 -2.79 -18.95
C LEU A 199 4.56 -1.49 -18.28
N GLN A 200 5.53 -0.75 -17.74
CA GLN A 200 5.27 0.52 -17.09
C GLN A 200 4.66 1.50 -18.09
N TYR A 201 5.25 1.59 -19.30
CA TYR A 201 4.76 2.48 -20.33
C TYR A 201 3.32 2.12 -20.72
N ASN A 202 3.00 0.82 -20.91
CA ASN A 202 1.62 0.42 -21.24
C ASN A 202 0.65 0.80 -20.11
N LEU A 203 1.09 0.66 -18.85
CA LEU A 203 0.23 1.01 -17.71
C LEU A 203 0.06 2.53 -17.61
N GLU A 204 1.10 3.30 -17.96
CA GLU A 204 1.01 4.76 -17.95
C GLU A 204 0.00 5.22 -19.01
N LEU A 205 0.03 4.60 -20.18
CA LEU A 205 -0.93 4.89 -21.25
C LEU A 205 -2.34 4.58 -20.78
N ALA A 206 -2.53 3.43 -20.15
CA ALA A 206 -3.82 2.97 -19.67
C ALA A 206 -4.36 3.98 -18.62
N PHE A 207 -3.49 4.38 -17.66
CA PHE A 207 -3.89 5.35 -16.64
C PHE A 207 -4.24 6.72 -17.25
N HIS A 208 -3.38 7.24 -18.12
CA HIS A 208 -3.60 8.56 -18.72
C HIS A 208 -4.78 8.55 -19.68
N HIS A 209 -4.99 7.42 -20.39
CA HIS A 209 -6.14 7.29 -21.29
C HIS A 209 -7.42 7.34 -20.47
N HIS A 210 -7.45 6.61 -19.35
CA HIS A 210 -8.63 6.61 -18.48
C HIS A 210 -8.92 8.00 -17.92
N LEU A 211 -7.88 8.72 -17.49
CA LEU A 211 -8.06 10.08 -16.95
C LEU A 211 -8.59 11.01 -18.04
N CYS A 212 -8.04 10.89 -19.24
CA CYS A 212 -8.46 11.71 -20.36
C CYS A 212 -9.95 11.45 -20.69
N LYS A 213 -10.35 10.17 -20.80
CA LYS A 213 -11.73 9.80 -21.09
C LYS A 213 -12.73 10.24 -20.02
N THR A 214 -12.29 10.28 -18.74
CA THR A 214 -13.19 10.69 -17.66
C THR A 214 -13.01 12.16 -17.25
N HIS A 215 -12.24 12.95 -18.00
CA HIS A 215 -11.99 14.39 -17.70
C HIS A 215 -11.37 14.60 -16.32
N ARG A 216 -10.41 13.73 -15.99
CA ARG A 216 -9.75 13.77 -14.69
C ARG A 216 -8.25 14.04 -14.79
N GLN A 217 -7.73 14.56 -15.93
CA GLN A 217 -6.28 14.83 -16.05
C GLN A 217 -5.75 15.88 -15.07
N SER A 218 -6.63 16.69 -14.46
CA SER A 218 -6.21 17.68 -13.48
C SER A 218 -5.55 17.01 -12.26
N ILE A 219 -5.85 15.73 -11.98
CA ILE A 219 -5.22 15.04 -10.84
C ILE A 219 -3.75 14.77 -11.07
N LEU A 220 -3.25 14.73 -12.33
CA LEU A 220 -1.83 14.39 -12.57
C LEU A 220 -0.87 15.27 -11.81
N ALA A 221 -1.12 16.58 -11.85
CA ALA A 221 -0.27 17.53 -11.12
C ALA A 221 -0.45 17.45 -9.61
N LYS A 222 -1.55 16.86 -9.14
CA LYS A 222 -1.82 16.77 -7.70
C LYS A 222 -1.39 15.44 -7.07
N LEU A 223 -0.89 14.47 -7.86
CA LEU A 223 -0.42 13.19 -7.32
C LEU A 223 0.86 13.41 -6.50
N PRO A 224 1.11 12.62 -5.44
CA PRO A 224 2.33 12.84 -4.65
C PRO A 224 3.60 12.62 -5.44
N PRO A 225 4.67 13.40 -5.18
CA PRO A 225 5.98 13.10 -5.85
C PRO A 225 6.45 11.69 -5.44
N LYS A 226 7.16 10.92 -6.30
CA LYS A 226 7.60 9.55 -5.95
C LYS A 226 8.45 9.48 -4.68
N GLY A 227 9.16 10.57 -4.39
CA GLY A 227 9.97 10.68 -3.18
C GLY A 227 9.16 10.66 -1.90
N LYS A 228 7.87 11.01 -1.98
CA LYS A 228 7.00 10.99 -0.81
C LYS A 228 6.78 9.53 -0.30
N LEU A 229 6.35 8.62 -1.21
CA LEU A 229 6.16 7.22 -0.81
C LEU A 229 7.48 6.59 -0.36
N ARG A 230 8.58 6.96 -1.04
CA ARG A 230 9.91 6.49 -0.68
C ARG A 230 10.30 6.91 0.74
N SER A 231 10.03 8.17 1.12
CA SER A 231 10.37 8.63 2.46
C SER A 231 9.51 7.95 3.54
N LEU A 232 8.23 7.65 3.25
CA LEU A 232 7.39 6.92 4.21
C LEU A 232 7.95 5.51 4.42
N CYS A 233 8.35 4.84 3.34
CA CYS A 233 8.91 3.48 3.46
C CYS A 233 10.26 3.46 4.13
N SER A 234 11.08 4.49 3.90
CA SER A 234 12.39 4.57 4.55
C SER A 234 12.20 4.84 6.03
N GLN A 235 11.27 5.76 6.40
CA GLN A 235 10.97 6.05 7.81
C GLN A 235 10.50 4.78 8.52
N HIS A 236 9.66 3.98 7.84
CA HIS A 236 9.19 2.71 8.42
C HIS A 236 10.37 1.78 8.73
N VAL A 237 11.28 1.59 7.77
CA VAL A 237 12.44 0.73 7.97
C VAL A 237 13.33 1.24 9.11
N GLU A 238 13.50 2.57 9.21
CA GLU A 238 14.29 3.21 10.28
C GLU A 238 13.64 3.01 11.65
N ARG A 239 12.32 3.21 11.75
CA ARG A 239 11.63 3.02 13.03
C ARG A 239 11.65 1.53 13.43
N LEU A 240 11.56 0.62 12.44
CA LEU A 240 11.64 -0.82 12.72
C LEU A 240 13.04 -1.17 13.26
N GLN A 241 14.10 -0.57 12.74
CA GLN A 241 15.47 -0.83 13.22
C GLN A 241 15.61 -0.40 14.68
N ILE A 242 15.07 0.78 15.02
CA ILE A 242 15.10 1.26 16.40
C ILE A 242 14.33 0.29 17.31
N PHE A 243 13.13 -0.13 16.88
CA PHE A 243 12.33 -1.05 17.68
C PHE A 243 13.03 -2.42 17.82
N GLN A 244 13.57 -2.98 16.73
CA GLN A 244 14.22 -4.28 16.74
C GLN A 244 15.48 -4.26 17.61
N HIS A 245 16.20 -3.13 17.66
CA HIS A 245 17.38 -3.02 18.52
C HIS A 245 16.96 -3.07 20.01
N LEU A 246 15.81 -2.50 20.35
CA LEU A 246 15.31 -2.53 21.71
C LEU A 246 14.60 -3.85 22.09
N HIS A 247 13.99 -4.52 21.10
CA HIS A 247 13.26 -5.78 21.36
C HIS A 247 13.59 -6.85 20.30
N PRO A 248 14.85 -7.32 20.21
CA PRO A 248 15.20 -8.28 19.17
C PRO A 248 14.47 -9.61 19.24
N ILE A 249 14.21 -10.12 20.46
CA ILE A 249 13.52 -11.40 20.59
C ILE A 249 12.07 -11.28 20.26
N VAL A 250 11.44 -10.10 20.49
CA VAL A 250 10.04 -9.90 20.09
C VAL A 250 9.92 -10.02 18.58
N VAL A 251 10.83 -9.37 17.85
CA VAL A 251 10.80 -9.45 16.39
C VAL A 251 11.05 -10.88 15.91
N GLN A 252 12.06 -11.55 16.48
CA GLN A 252 12.35 -12.92 16.10
C GLN A 252 11.17 -13.88 16.37
N ALA A 253 10.54 -13.75 17.53
CA ALA A 253 9.51 -14.69 17.96
C ALA A 253 8.08 -14.36 17.60
N ALA A 254 7.75 -13.07 17.44
CA ALA A 254 6.38 -12.69 17.29
C ALA A 254 6.04 -11.84 16.07
N PHE A 255 7.01 -11.47 15.24
CA PHE A 255 6.68 -10.69 14.02
C PHE A 255 6.44 -11.66 12.88
N PRO A 256 5.55 -11.31 11.93
CA PRO A 256 5.27 -12.22 10.83
C PRO A 256 6.52 -12.44 9.96
N PRO A 257 6.76 -13.69 9.57
CA PRO A 257 7.92 -13.98 8.71
C PRO A 257 7.99 -13.13 7.42
N LEU A 258 6.86 -12.92 6.74
CA LEU A 258 6.86 -12.14 5.50
C LEU A 258 7.30 -10.69 5.77
N TYR A 259 6.85 -10.14 6.91
CA TYR A 259 7.21 -8.78 7.33
C TYR A 259 8.71 -8.68 7.57
N LYS A 260 9.31 -9.65 8.29
CA LYS A 260 10.76 -9.61 8.53
C LYS A 260 11.53 -9.76 7.24
N GLU A 261 11.08 -10.63 6.31
CA GLU A 261 11.77 -10.79 5.02
C GLU A 261 11.83 -9.47 4.24
N LEU A 262 10.74 -8.71 4.23
CA LEU A 262 10.69 -7.47 3.47
C LEU A 262 11.35 -6.28 4.14
N PHE A 263 11.28 -6.20 5.49
CA PHE A 263 11.67 -4.96 6.15
C PHE A 263 12.78 -5.01 7.17
N SER A 264 13.09 -6.17 7.74
CA SER A 264 14.10 -6.26 8.79
C SER A 264 15.51 -6.23 8.20
N LYS A 277 12.53 -18.50 1.25
CA LYS A 277 11.92 -17.18 1.41
C LYS A 277 10.40 -17.27 1.18
N ILE A 278 9.62 -16.49 1.98
CA ILE A 278 8.16 -16.48 1.91
C ILE A 278 7.66 -15.95 0.56
N LEU A 279 8.24 -14.84 0.08
CA LEU A 279 7.85 -14.23 -1.19
C LEU A 279 7.92 -15.20 -2.35
N HIS A 280 9.01 -15.96 -2.46
CA HIS A 280 9.20 -16.97 -3.49
C HIS A 280 8.08 -18.02 -3.45
N ARG A 281 7.66 -18.45 -2.24
CA ARG A 281 6.58 -19.42 -2.08
C ARG A 281 5.24 -18.83 -2.52
N LEU A 282 4.95 -17.58 -2.11
CA LEU A 282 3.70 -16.91 -2.49
C LEU A 282 3.61 -16.71 -4.00
N LEU A 283 4.75 -16.41 -4.64
CA LEU A 283 4.78 -16.20 -6.08
C LEU A 283 4.60 -17.51 -6.87
N GLN A 284 5.01 -18.65 -6.29
CA GLN A 284 4.91 -19.96 -6.94
C GLN A 284 3.49 -20.51 -6.87
N GLU A 285 2.81 -20.35 -5.72
CA GLU A 285 1.44 -20.82 -5.46
C GLU A 285 0.45 -20.52 -6.59
#